data_2PMK
#
_entry.id   2PMK
#
_cell.length_a   179.682
_cell.length_b   34.648
_cell.length_c   38.293
_cell.angle_alpha   90.00
_cell.angle_beta   98.07
_cell.angle_gamma   90.00
#
_symmetry.space_group_name_H-M   'C 1 2 1'
#
loop_
_entity.id
_entity.type
_entity.pdbx_description
1 polymer 'Alpha-hemolysin translocation ATP-binding protein hlyB'
2 non-polymer "SPIRO(2,4,6-TRINITROBENZENE[1,2A]-2O',3O'-METHYLENE-ADENINE-TRIPHOSPHATE"
3 non-polymer "ADENOSINE-5'-DIPHOSPHATE"
4 water water
#
_entity_poly.entity_id   1
_entity_poly.type   'polypeptide(L)'
_entity_poly.pdbx_seq_one_letter_code
;HHDITFRNIRFRYKPDSPVILDNINLSIKQGEVIGIVGRSGSGKSTLTKLIQRFYIPENGQVLIDGHDLALADPNWLRRQ
VGVVLQDNVLLNRSIIDNISLANPGMSVEKVIYAAKLAGAHDFISELREGYNTIVGEQGAGLSGGQRQRIAIARALVNNP
KILIFDEATSALDYESEHVIMRNMHKICKGRTVIIIAHRLSTVKNADRIIVMEKGKIVEQGKHKELLSEPESLYSYLYQL
QSD
;
_entity_poly.pdbx_strand_id   A
#
loop_
_chem_comp.id
_chem_comp.type
_chem_comp.name
_chem_comp.formula
128 RNA linking SPIRO(2,4,6-TRINITROBENZENE[1,2A]-2O',3O'-METHYLENE-ADENINE-TRIPHOSPHATE 'C16 H17 N8 O19 P3'
ADP non-polymer ADENOSINE-5'-DIPHOSPHATE 'C10 H15 N5 O10 P2'
#
# COMPACT_ATOMS: atom_id res chain seq x y z
N HIS A 1 9.05 -14.92 -12.52
CA HIS A 1 7.78 -14.28 -13.03
C HIS A 1 7.48 -13.02 -12.24
N HIS A 2 7.41 -11.91 -12.96
CA HIS A 2 7.20 -10.60 -12.37
C HIS A 2 5.73 -10.23 -12.37
N ASP A 3 5.20 -9.96 -11.17
CA ASP A 3 3.84 -9.55 -11.00
C ASP A 3 3.67 -8.10 -11.47
N ILE A 4 4.73 -7.30 -11.37
CA ILE A 4 4.62 -5.89 -11.74
C ILE A 4 5.87 -5.45 -12.50
N THR A 5 5.71 -4.88 -13.69
CA THR A 5 6.87 -4.43 -14.50
C THR A 5 6.62 -3.04 -15.03
N PHE A 6 7.60 -2.14 -14.85
CA PHE A 6 7.61 -0.80 -15.48
C PHE A 6 8.77 -0.82 -16.48
N ARG A 7 8.50 -0.44 -17.73
CA ARG A 7 9.51 -0.34 -18.77
C ARG A 7 9.53 1.07 -19.29
N ASN A 8 10.63 1.79 -19.06
CA ASN A 8 10.82 3.14 -19.61
C ASN A 8 9.66 4.08 -19.39
N ILE A 9 9.08 4.01 -18.20
CA ILE A 9 7.91 4.85 -17.92
C ILE A 9 8.27 6.31 -17.73
N ARG A 10 7.58 7.17 -18.48
CA ARG A 10 7.69 8.61 -18.34
C ARG A 10 6.27 9.11 -18.07
N PHE A 11 6.11 9.93 -17.05
CA PHE A 11 4.79 10.44 -16.68
C PHE A 11 4.83 11.86 -16.15
N ARG A 12 3.88 12.68 -16.62
CA ARG A 12 3.57 14.02 -16.07
C ARG A 12 2.05 14.10 -15.93
N TYR A 13 1.54 14.88 -14.99
CA TYR A 13 0.08 14.92 -14.77
C TYR A 13 -0.73 15.68 -15.81
N LYS A 14 -0.11 16.68 -16.42
CA LYS A 14 -0.79 17.54 -17.39
C LYS A 14 0.12 17.87 -18.55
N PRO A 15 -0.46 18.11 -19.74
CA PRO A 15 0.27 18.48 -20.94
C PRO A 15 1.49 19.36 -20.73
N ASP A 16 1.39 20.47 -20.01
CA ASP A 16 2.59 21.29 -19.85
C ASP A 16 3.38 21.04 -18.56
N SER A 17 2.90 20.14 -17.71
CA SER A 17 3.36 20.07 -16.32
C SER A 17 4.70 19.31 -16.21
N PRO A 18 5.36 19.40 -15.04
CA PRO A 18 6.65 18.77 -14.85
C PRO A 18 6.61 17.24 -14.93
N VAL A 19 7.69 16.65 -15.43
CA VAL A 19 7.83 15.17 -15.42
C VAL A 19 8.02 14.67 -13.98
N ILE A 20 7.13 13.78 -13.57
CA ILE A 20 7.08 13.21 -12.23
C ILE A 20 7.76 11.84 -12.12
N LEU A 21 7.71 11.09 -13.21
CA LEU A 21 8.41 9.81 -13.27
C LEU A 21 9.24 9.82 -14.53
N ASP A 22 10.52 9.52 -14.38
CA ASP A 22 11.47 9.70 -15.46
C ASP A 22 12.24 8.41 -15.69
N ASN A 23 11.86 7.75 -16.79
CA ASN A 23 12.47 6.51 -17.26
C ASN A 23 12.51 5.46 -16.16
N ILE A 24 11.35 5.19 -15.57
CA ILE A 24 11.24 4.18 -14.50
C ILE A 24 11.29 2.78 -15.08
N ASN A 25 12.24 2.00 -14.61
CA ASN A 25 12.38 0.59 -14.94
C ASN A 25 12.39 -0.21 -13.63
N LEU A 26 11.44 -1.12 -13.47
CA LEU A 26 11.30 -1.85 -12.22
C LEU A 26 10.60 -3.14 -12.52
N SER A 27 11.04 -4.23 -11.92
CA SER A 27 10.43 -5.52 -12.17
C SER A 27 10.30 -6.18 -10.81
N ILE A 28 9.07 -6.44 -10.39
CA ILE A 28 8.81 -6.96 -9.03
C ILE A 28 8.33 -8.38 -9.17
N LYS A 29 9.05 -9.32 -8.53
CA LYS A 29 8.70 -10.72 -8.58
C LYS A 29 7.43 -11.03 -7.79
N GLN A 30 6.68 -12.02 -8.25
CA GLN A 30 5.51 -12.49 -7.50
C GLN A 30 5.89 -12.84 -6.05
N GLY A 31 5.14 -12.28 -5.12
CA GLY A 31 5.31 -12.56 -3.70
C GLY A 31 6.33 -11.70 -2.99
N GLU A 32 7.06 -10.89 -3.75
CA GLU A 32 8.03 -9.99 -3.20
C GLU A 32 7.31 -8.93 -2.36
N VAL A 33 7.94 -8.52 -1.25
CA VAL A 33 7.48 -7.40 -0.44
C VAL A 33 8.51 -6.28 -0.66
N ILE A 34 8.04 -5.17 -1.21
CA ILE A 34 8.90 -4.06 -1.62
C ILE A 34 8.54 -2.82 -0.80
N GLY A 35 9.55 -2.12 -0.26
CA GLY A 35 9.35 -0.84 0.39
C GLY A 35 9.80 0.21 -0.60
N ILE A 36 9.07 1.32 -0.63
CA ILE A 36 9.46 2.47 -1.45
C ILE A 36 9.60 3.66 -0.53
N VAL A 37 10.78 4.28 -0.58
CA VAL A 37 11.13 5.41 0.29
C VAL A 37 11.71 6.54 -0.53
N GLY A 38 11.81 7.70 0.11
CA GLY A 38 12.32 8.91 -0.53
C GLY A 38 11.60 10.13 -0.02
N ARG A 39 12.20 11.28 -0.28
CA ARG A 39 11.64 12.54 0.16
C ARG A 39 10.23 12.75 -0.35
N SER A 40 9.51 13.62 0.35
N SER A 40 9.47 13.57 0.36
CA SER A 40 8.20 14.10 -0.10
CA SER A 40 8.13 13.91 -0.09
C SER A 40 8.29 14.57 -1.54
C SER A 40 8.23 14.59 -1.45
N GLY A 41 7.30 14.21 -2.34
CA GLY A 41 7.28 14.67 -3.71
C GLY A 41 8.23 13.99 -4.66
N SER A 42 8.83 12.88 -4.25
CA SER A 42 9.74 12.13 -5.10
C SER A 42 9.09 11.24 -6.16
N GLY A 43 7.78 11.01 -6.06
CA GLY A 43 7.02 10.24 -7.05
C GLY A 43 6.55 8.89 -6.57
N LYS A 44 6.68 8.63 -5.25
CA LYS A 44 6.34 7.30 -4.68
C LYS A 44 4.87 6.95 -4.92
N SER A 45 3.96 7.82 -4.51
N SER A 45 3.97 7.83 -4.50
CA SER A 45 2.54 7.49 -4.68
CA SER A 45 2.53 7.58 -4.68
C SER A 45 2.17 7.50 -6.19
C SER A 45 2.20 7.48 -6.17
N THR A 46 2.79 8.38 -6.96
CA THR A 46 2.53 8.42 -8.41
C THR A 46 2.78 7.04 -9.04
N LEU A 47 3.90 6.40 -8.67
CA LEU A 47 4.22 5.08 -9.17
C LEU A 47 3.04 4.12 -8.89
N THR A 48 2.49 4.14 -7.67
CA THR A 48 1.40 3.24 -7.34
C THR A 48 0.09 3.58 -8.07
N LYS A 49 -0.11 4.86 -8.40
CA LYS A 49 -1.28 5.30 -9.17
C LYS A 49 -1.21 4.71 -10.56
N LEU A 50 -0.03 4.64 -11.14
CA LEU A 50 0.12 4.03 -12.47
C LEU A 50 -0.15 2.53 -12.47
N ILE A 51 0.14 1.83 -11.38
CA ILE A 51 -0.17 0.41 -11.25
C ILE A 51 -1.65 0.14 -11.40
N GLN A 52 -2.46 1.11 -10.96
CA GLN A 52 -3.92 1.02 -10.96
C GLN A 52 -4.53 1.68 -12.22
N ARG A 53 -3.66 2.16 -13.09
CA ARG A 53 -4.02 2.91 -14.29
C ARG A 53 -5.00 4.07 -13.99
N PHE A 54 -4.82 4.71 -12.84
CA PHE A 54 -5.51 5.95 -12.60
C PHE A 54 -5.07 7.09 -13.51
N TYR A 55 -3.84 6.96 -14.02
CA TYR A 55 -3.25 7.84 -14.99
C TYR A 55 -2.45 6.97 -15.98
N ILE A 56 -2.21 7.59 -17.13
CA ILE A 56 -1.65 6.90 -18.31
C ILE A 56 -0.31 7.57 -18.68
N PRO A 57 0.77 6.76 -18.82
CA PRO A 57 2.09 7.33 -19.14
C PRO A 57 2.19 7.76 -20.59
N GLU A 58 2.94 8.81 -20.85
CA GLU A 58 3.14 9.26 -22.22
C GLU A 58 4.12 8.37 -22.99
N ASN A 59 5.03 7.71 -22.26
CA ASN A 59 5.99 6.76 -22.79
C ASN A 59 6.12 5.57 -21.87
N GLY A 60 6.38 4.41 -22.44
CA GLY A 60 6.67 3.23 -21.66
C GLY A 60 5.43 2.42 -21.37
N GLN A 61 5.65 1.31 -20.67
CA GLN A 61 4.60 0.34 -20.38
C GLN A 61 4.59 -0.06 -18.91
N VAL A 62 3.41 -0.24 -18.34
CA VAL A 62 3.22 -0.94 -17.07
C VAL A 62 2.58 -2.28 -17.40
N LEU A 63 3.17 -3.36 -16.88
CA LEU A 63 2.62 -4.69 -17.08
C LEU A 63 2.32 -5.31 -15.72
N ILE A 64 1.18 -5.97 -15.62
CA ILE A 64 0.95 -6.84 -14.49
C ILE A 64 0.90 -8.23 -15.05
N ASP A 65 1.68 -9.16 -14.47
CA ASP A 65 1.75 -10.53 -15.00
C ASP A 65 2.05 -10.61 -16.49
N GLY A 66 2.85 -9.69 -17.01
CA GLY A 66 3.15 -9.70 -18.45
C GLY A 66 2.05 -9.07 -19.31
N HIS A 67 0.95 -8.64 -18.67
CA HIS A 67 -0.20 -8.01 -19.36
C HIS A 67 -0.02 -6.48 -19.35
N ASP A 68 0.16 -5.89 -20.51
CA ASP A 68 0.23 -4.42 -20.65
C ASP A 68 -1.11 -3.84 -20.17
N LEU A 69 -1.08 -2.90 -19.23
CA LEU A 69 -2.32 -2.37 -18.68
C LEU A 69 -3.09 -1.53 -19.70
N ALA A 70 -2.45 -1.09 -20.77
CA ALA A 70 -3.18 -0.43 -21.87
C ALA A 70 -4.24 -1.31 -22.47
N LEU A 71 -3.95 -2.62 -22.55
CA LEU A 71 -4.81 -3.61 -23.17
C LEU A 71 -5.72 -4.34 -22.16
N ALA A 72 -5.30 -4.38 -20.90
CA ALA A 72 -6.00 -5.17 -19.89
C ALA A 72 -7.39 -4.64 -19.56
N ASP A 73 -8.30 -5.57 -19.27
CA ASP A 73 -9.63 -5.20 -18.83
C ASP A 73 -9.57 -4.41 -17.51
N PRO A 74 -10.20 -3.21 -17.47
CA PRO A 74 -10.09 -2.40 -16.26
C PRO A 74 -10.77 -3.04 -15.04
N ASN A 75 -11.76 -3.90 -15.27
CA ASN A 75 -12.39 -4.62 -14.18
C ASN A 75 -11.46 -5.71 -13.64
N TRP A 76 -10.72 -6.38 -14.53
CA TRP A 76 -9.68 -7.34 -14.12
C TRP A 76 -8.65 -6.62 -13.28
N LEU A 77 -8.22 -5.45 -13.72
CA LEU A 77 -7.20 -4.71 -12.96
C LEU A 77 -7.66 -4.34 -11.56
N ARG A 78 -8.89 -3.85 -11.44
CA ARG A 78 -9.41 -3.44 -10.13
C ARG A 78 -9.43 -4.62 -9.16
N ARG A 79 -9.70 -5.81 -9.68
CA ARG A 79 -9.67 -7.01 -8.88
C ARG A 79 -8.27 -7.55 -8.52
N GLN A 80 -7.23 -7.15 -9.25
CA GLN A 80 -5.86 -7.65 -8.99
C GLN A 80 -5.24 -6.93 -7.80
N VAL A 81 -5.70 -5.71 -7.53
CA VAL A 81 -5.03 -4.80 -6.59
C VAL A 81 -5.94 -4.38 -5.41
N GLY A 82 -5.41 -4.46 -4.20
CA GLY A 82 -6.07 -3.96 -3.00
C GLY A 82 -5.17 -2.89 -2.45
N VAL A 83 -5.77 -1.75 -2.07
CA VAL A 83 -4.99 -0.65 -1.51
C VAL A 83 -5.48 -0.35 -0.07
N VAL A 84 -4.51 -0.27 0.85
CA VAL A 84 -4.77 0.09 2.23
C VAL A 84 -4.77 1.62 2.23
N LEU A 85 -5.97 2.19 2.22
CA LEU A 85 -6.13 3.63 2.12
C LEU A 85 -5.94 4.29 3.47
N GLN A 86 -5.60 5.58 3.40
CA GLN A 86 -5.54 6.42 4.56
C GLN A 86 -6.79 7.32 4.56
N ASP A 87 -7.33 7.56 5.76
CA ASP A 87 -8.40 8.54 5.98
C ASP A 87 -9.64 8.27 5.13
N ASN A 88 -9.95 6.99 4.94
CA ASN A 88 -11.05 6.58 4.08
C ASN A 88 -12.08 5.65 4.74
N VAL A 89 -12.06 5.57 6.06
CA VAL A 89 -13.07 4.78 6.76
C VAL A 89 -14.21 5.76 7.03
N LEU A 90 -15.37 5.43 6.48
CA LEU A 90 -16.53 6.31 6.48
C LEU A 90 -17.25 6.23 7.82
N LEU A 91 -17.28 7.34 8.55
CA LEU A 91 -17.75 7.33 9.92
C LEU A 91 -19.28 7.10 10.02
N ASN A 92 -20.00 7.38 8.93
CA ASN A 92 -21.45 7.25 8.92
C ASN A 92 -21.99 5.87 8.54
N ARG A 93 -21.10 4.88 8.43
CA ARG A 93 -21.53 3.56 8.01
C ARG A 93 -20.91 2.49 8.87
N SER A 94 -21.50 1.29 8.78
CA SER A 94 -21.09 0.19 9.63
C SER A 94 -19.69 -0.30 9.33
N ILE A 95 -19.14 -1.00 10.30
CA ILE A 95 -17.84 -1.65 10.13
C ILE A 95 -17.88 -2.62 8.93
N ILE A 96 -18.87 -3.48 8.88
CA ILE A 96 -18.99 -4.39 7.73
C ILE A 96 -19.13 -3.63 6.39
N ASP A 97 -19.92 -2.55 6.36
CA ASP A 97 -20.09 -1.80 5.13
C ASP A 97 -18.77 -1.15 4.73
N ASN A 98 -18.01 -0.65 5.70
CA ASN A 98 -16.64 -0.15 5.42
C ASN A 98 -15.67 -1.18 4.88
N ILE A 99 -15.79 -2.43 5.32
CA ILE A 99 -14.91 -3.49 4.82
C ILE A 99 -15.32 -3.96 3.40
N SER A 100 -16.62 -3.96 3.10
CA SER A 100 -17.13 -4.53 1.82
C SER A 100 -17.45 -3.49 0.75
N LEU A 101 -16.92 -2.28 0.93
CA LEU A 101 -17.25 -1.16 0.03
C LEU A 101 -16.76 -1.33 -1.44
N ALA A 102 -16.85 -2.55 -1.99
CA ALA A 102 -16.58 -2.84 -3.41
C ALA A 102 -17.60 -3.81 -4.05
N ASN A 103 -17.99 -4.87 -3.35
CA ASN A 103 -19.07 -5.78 -3.85
C ASN A 103 -20.19 -5.98 -2.83
N PRO A 104 -20.87 -4.89 -2.43
CA PRO A 104 -21.80 -4.89 -1.32
C PRO A 104 -22.35 -6.24 -0.84
N GLY A 105 -22.88 -7.07 -1.74
CA GLY A 105 -23.56 -8.33 -1.36
C GLY A 105 -22.66 -9.52 -1.02
N MET A 106 -21.39 -9.24 -0.72
CA MET A 106 -20.39 -10.27 -0.46
C MET A 106 -20.37 -10.76 0.98
N SER A 107 -19.97 -12.02 1.13
CA SER A 107 -20.29 -12.80 2.31
C SER A 107 -19.72 -12.21 3.60
N VAL A 108 -20.47 -12.41 4.69
CA VAL A 108 -19.98 -12.09 6.02
C VAL A 108 -18.71 -12.88 6.32
N GLU A 109 -18.66 -14.13 5.83
CA GLU A 109 -17.49 -14.99 6.01
C GLU A 109 -16.23 -14.38 5.43
N LYS A 110 -16.32 -13.82 4.21
CA LYS A 110 -15.18 -13.16 3.59
C LYS A 110 -14.75 -11.92 4.36
N VAL A 111 -15.75 -11.17 4.86
CA VAL A 111 -15.49 -9.98 5.68
C VAL A 111 -14.74 -10.36 6.98
N ILE A 112 -15.25 -11.36 7.67
CA ILE A 112 -14.64 -11.80 8.92
C ILE A 112 -13.20 -12.31 8.70
N TYR A 113 -12.99 -13.06 7.62
CA TYR A 113 -11.64 -13.58 7.34
C TYR A 113 -10.64 -12.43 7.10
N ALA A 114 -11.06 -11.42 6.35
CA ALA A 114 -10.20 -10.25 6.09
C ALA A 114 -9.95 -9.51 7.41
N ALA A 115 -10.98 -9.40 8.24
CA ALA A 115 -10.85 -8.73 9.53
C ALA A 115 -9.91 -9.50 10.45
N LYS A 116 -9.95 -10.81 10.37
CA LYS A 116 -9.02 -11.66 11.14
C LYS A 116 -7.57 -11.44 10.70
N LEU A 117 -7.32 -11.43 9.39
CA LEU A 117 -5.99 -11.14 8.88
C LEU A 117 -5.49 -9.79 9.34
N ALA A 118 -6.40 -8.81 9.29
CA ALA A 118 -6.08 -7.41 9.59
C ALA A 118 -5.89 -7.13 11.08
N GLY A 119 -6.27 -8.07 11.95
CA GLY A 119 -6.17 -7.87 13.39
C GLY A 119 -7.27 -6.99 13.96
N ALA A 120 -8.38 -6.91 13.23
CA ALA A 120 -9.55 -6.11 13.64
C ALA A 120 -10.70 -6.95 14.23
N HIS A 121 -10.78 -8.24 13.90
CA HIS A 121 -11.92 -9.05 14.29
C HIS A 121 -12.11 -9.07 15.81
N ASP A 122 -11.02 -9.22 16.55
CA ASP A 122 -11.16 -9.33 17.99
C ASP A 122 -11.81 -8.11 18.59
N PHE A 123 -11.37 -6.91 18.23
CA PHE A 123 -11.98 -5.71 18.82
C PHE A 123 -13.40 -5.45 18.28
N ILE A 124 -13.68 -5.79 17.04
CA ILE A 124 -15.02 -5.61 16.47
C ILE A 124 -16.02 -6.50 17.24
N SER A 125 -15.59 -7.74 17.46
CA SER A 125 -16.38 -8.75 18.19
C SER A 125 -16.73 -8.44 19.65
N GLU A 126 -16.03 -7.50 20.28
CA GLU A 126 -16.35 -7.09 21.65
C GLU A 126 -17.15 -5.80 21.72
N LEU A 127 -17.51 -5.28 20.56
CA LEU A 127 -18.40 -4.13 20.48
C LEU A 127 -19.84 -4.58 20.62
N ARG A 128 -20.63 -3.79 21.35
CA ARG A 128 -22.02 -4.11 21.59
C ARG A 128 -22.74 -4.53 20.29
N GLU A 129 -22.60 -3.71 19.25
CA GLU A 129 -23.24 -3.94 17.98
C GLU A 129 -22.40 -4.73 16.96
N GLY A 130 -21.17 -5.12 17.32
CA GLY A 130 -20.31 -5.94 16.45
C GLY A 130 -20.02 -5.32 15.10
N TYR A 131 -20.14 -6.12 14.04
CA TYR A 131 -19.86 -5.64 12.68
C TYR A 131 -20.85 -4.57 12.22
N ASN A 132 -22.03 -4.55 12.83
CA ASN A 132 -23.06 -3.56 12.51
C ASN A 132 -22.88 -2.21 13.19
N THR A 133 -21.89 -2.11 14.06
CA THR A 133 -21.52 -0.84 14.69
C THR A 133 -21.25 0.24 13.64
N ILE A 134 -21.86 1.41 13.82
CA ILE A 134 -21.55 2.57 12.99
C ILE A 134 -20.17 3.05 13.44
N VAL A 135 -19.24 3.18 12.50
CA VAL A 135 -17.84 3.46 12.87
C VAL A 135 -17.68 4.72 13.71
N GLY A 136 -18.49 5.72 13.39
CA GLY A 136 -18.29 7.10 13.84
C GLY A 136 -18.44 7.45 15.31
N GLU A 137 -18.02 8.68 15.59
CA GLU A 137 -17.76 9.18 16.95
C GLU A 137 -18.98 9.14 17.88
N GLN A 138 -20.19 9.06 17.30
CA GLN A 138 -21.43 8.89 18.06
C GLN A 138 -21.76 7.40 18.24
N GLY A 139 -21.23 6.55 17.36
CA GLY A 139 -21.53 5.11 17.36
C GLY A 139 -20.70 4.33 18.35
N ALA A 140 -19.52 3.90 17.92
CA ALA A 140 -18.52 3.24 18.79
C ALA A 140 -17.28 4.12 19.01
N GLY A 141 -17.02 5.04 18.07
CA GLY A 141 -15.95 6.02 18.24
C GLY A 141 -14.61 5.34 18.32
N LEU A 142 -14.30 4.60 17.26
CA LEU A 142 -13.10 3.77 17.23
C LEU A 142 -11.89 4.70 17.16
N SER A 143 -10.72 4.17 17.51
CA SER A 143 -9.50 4.94 17.48
C SER A 143 -8.97 4.95 16.05
N GLY A 144 -7.95 5.75 15.79
CA GLY A 144 -7.34 5.79 14.46
C GLY A 144 -6.71 4.48 14.06
N GLY A 145 -6.10 3.79 15.02
CA GLY A 145 -5.44 2.51 14.77
C GLY A 145 -6.42 1.37 14.57
N GLN A 146 -7.60 1.50 15.18
CA GLN A 146 -8.72 0.57 14.93
C GLN A 146 -9.29 0.80 13.51
N ARG A 147 -9.54 2.06 13.15
CA ARG A 147 -9.95 2.38 11.79
C ARG A 147 -8.92 1.90 10.74
N GLN A 148 -7.62 2.03 11.04
CA GLN A 148 -6.61 1.57 10.09
C GLN A 148 -6.62 0.06 9.86
N ARG A 149 -6.94 -0.72 10.90
CA ARG A 149 -7.06 -2.16 10.71
C ARG A 149 -8.32 -2.49 9.91
N ILE A 150 -9.38 -1.69 10.08
CA ILE A 150 -10.55 -1.80 9.20
C ILE A 150 -10.15 -1.51 7.74
N ALA A 151 -9.30 -0.49 7.53
CA ALA A 151 -8.80 -0.16 6.19
C ALA A 151 -8.00 -1.30 5.57
N ILE A 152 -7.18 -1.97 6.37
CA ILE A 152 -6.48 -3.19 5.90
C ILE A 152 -7.45 -4.31 5.51
N ALA A 153 -8.46 -4.53 6.35
CA ALA A 153 -9.46 -5.54 6.08
C ALA A 153 -10.16 -5.26 4.75
N ARG A 154 -10.51 -4.00 4.51
CA ARG A 154 -11.13 -3.62 3.24
C ARG A 154 -10.24 -3.96 2.02
N ALA A 155 -8.96 -3.67 2.15
CA ALA A 155 -8.04 -3.91 1.05
C ALA A 155 -7.93 -5.41 0.76
N LEU A 156 -8.11 -6.23 1.79
CA LEU A 156 -7.87 -7.67 1.69
C LEU A 156 -9.10 -8.46 1.32
N VAL A 157 -10.27 -7.85 1.44
CA VAL A 157 -11.52 -8.64 1.44
C VAL A 157 -11.73 -9.50 0.18
N ASN A 158 -11.32 -8.99 -0.99
CA ASN A 158 -11.45 -9.75 -2.24
C ASN A 158 -10.17 -10.49 -2.67
N ASN A 159 -9.29 -10.73 -1.70
CA ASN A 159 -8.10 -11.56 -1.91
C ASN A 159 -7.24 -11.12 -3.07
N PRO A 160 -6.72 -9.88 -3.01
CA PRO A 160 -5.98 -9.32 -4.11
C PRO A 160 -4.61 -9.95 -4.23
N LYS A 161 -4.15 -10.17 -5.45
CA LYS A 161 -2.78 -10.67 -5.63
C LYS A 161 -1.70 -9.65 -5.37
N ILE A 162 -2.04 -8.36 -5.46
CA ILE A 162 -1.13 -7.25 -5.20
C ILE A 162 -1.75 -6.38 -4.12
N LEU A 163 -0.95 -6.03 -3.10
CA LEU A 163 -1.45 -5.21 -1.99
C LEU A 163 -0.54 -4.02 -1.87
N ILE A 164 -1.14 -2.83 -1.88
CA ILE A 164 -0.41 -1.58 -1.78
C ILE A 164 -0.81 -0.87 -0.49
N PHE A 165 0.19 -0.51 0.31
CA PHE A 165 -0.01 0.33 1.50
C PHE A 165 0.32 1.77 1.15
N ASP A 166 -0.70 2.63 1.07
CA ASP A 166 -0.47 4.08 0.93
C ASP A 166 0.31 4.60 2.14
N GLU A 167 1.05 5.68 1.89
CA GLU A 167 1.89 6.26 2.94
C GLU A 167 1.07 6.74 4.17
N ALA A 168 1.59 6.42 5.38
CA ALA A 168 0.92 6.78 6.63
C ALA A 168 0.94 8.26 6.78
N THR A 169 -0.23 8.84 7.13
CA THR A 169 -0.41 10.28 7.27
C THR A 169 -0.69 10.66 8.73
N SER A 170 -0.69 9.65 9.61
CA SER A 170 -0.94 9.83 11.04
C SER A 170 -0.18 8.74 11.80
N ALA A 171 0.24 9.05 13.03
CA ALA A 171 0.87 8.03 13.89
C ALA A 171 -0.22 7.15 14.48
N LEU A 172 0.04 5.85 14.58
CA LEU A 172 -0.94 4.92 15.17
C LEU A 172 -0.61 4.67 16.64
N ASP A 173 -1.62 4.27 17.41
CA ASP A 173 -1.39 3.90 18.82
C ASP A 173 -0.58 2.60 18.89
N TYR A 174 0.04 2.35 20.05
CA TYR A 174 0.94 1.22 20.21
C TYR A 174 0.30 -0.14 19.92
N GLU A 175 -0.90 -0.34 20.45
CA GLU A 175 -1.54 -1.64 20.39
C GLU A 175 -1.94 -2.02 18.95
N SER A 176 -2.36 -1.01 18.17
CA SER A 176 -2.72 -1.22 16.77
C SER A 176 -1.51 -1.56 15.95
N GLU A 177 -0.47 -0.74 16.13
CA GLU A 177 0.79 -0.92 15.42
C GLU A 177 1.42 -2.29 15.72
N HIS A 178 1.36 -2.67 17.00
CA HIS A 178 1.85 -3.96 17.44
C HIS A 178 1.10 -5.11 16.80
N VAL A 179 -0.23 -4.99 16.73
CA VAL A 179 -1.06 -6.04 16.17
C VAL A 179 -0.79 -6.15 14.66
N ILE A 180 -0.67 -5.02 13.99
CA ILE A 180 -0.42 -5.01 12.55
C ILE A 180 0.93 -5.64 12.26
N MET A 181 1.98 -5.22 12.97
CA MET A 181 3.31 -5.78 12.69
C MET A 181 3.37 -7.27 13.02
N ARG A 182 2.66 -7.70 14.06
CA ARG A 182 2.55 -9.13 14.41
C ARG A 182 1.79 -9.93 13.34
N ASN A 183 0.89 -9.24 12.64
CA ASN A 183 0.09 -9.87 11.59
C ASN A 183 0.57 -9.65 10.16
N MET A 184 1.61 -8.83 9.94
CA MET A 184 2.04 -8.52 8.56
C MET A 184 2.35 -9.73 7.70
N HIS A 185 3.03 -10.72 8.29
CA HIS A 185 3.35 -11.90 7.52
C HIS A 185 2.11 -12.67 7.07
N LYS A 186 1.03 -12.60 7.86
CA LYS A 186 -0.24 -13.23 7.50
C LYS A 186 -0.97 -12.39 6.43
N ILE A 187 -0.95 -11.08 6.62
CA ILE A 187 -1.54 -10.15 5.64
C ILE A 187 -0.89 -10.27 4.24
N CYS A 188 0.43 -10.41 4.22
CA CYS A 188 1.23 -10.37 2.99
C CYS A 188 1.35 -11.73 2.32
N LYS A 189 1.04 -12.80 3.05
CA LYS A 189 1.22 -14.16 2.56
C LYS A 189 0.48 -14.39 1.24
N GLY A 190 1.24 -14.83 0.25
CA GLY A 190 0.70 -15.13 -1.07
C GLY A 190 0.52 -13.96 -2.02
N ARG A 191 0.92 -12.78 -1.58
CA ARG A 191 0.72 -11.57 -2.34
C ARG A 191 2.01 -10.83 -2.63
N THR A 192 2.00 -10.06 -3.72
CA THR A 192 3.04 -9.09 -3.99
C THR A 192 2.65 -7.81 -3.26
N VAL A 193 3.57 -7.24 -2.50
CA VAL A 193 3.22 -6.14 -1.60
C VAL A 193 4.14 -4.95 -1.81
N ILE A 194 3.55 -3.76 -1.90
CA ILE A 194 4.31 -2.51 -2.05
C ILE A 194 3.91 -1.66 -0.86
N ILE A 195 4.89 -1.22 -0.05
CA ILE A 195 4.66 -0.37 1.12
C ILE A 195 5.35 0.93 0.84
N ILE A 196 4.60 2.04 0.82
CA ILE A 196 5.23 3.35 0.71
C ILE A 196 5.48 3.79 2.15
N ALA A 197 6.74 4.00 2.51
CA ALA A 197 7.13 4.10 3.91
C ALA A 197 7.51 5.51 4.21
N HIS A 198 6.79 6.08 5.16
CA HIS A 198 7.07 7.37 5.73
C HIS A 198 8.37 7.30 6.55
N ARG A 199 8.46 6.27 7.38
CA ARG A 199 9.62 6.06 8.20
C ARG A 199 10.35 4.89 7.59
N LEU A 200 11.63 5.07 7.25
CA LEU A 200 12.46 4.01 6.68
C LEU A 200 12.41 2.74 7.53
N SER A 201 12.38 2.87 8.85
CA SER A 201 12.41 1.69 9.75
C SER A 201 11.31 0.67 9.50
N THR A 202 10.17 1.19 9.04
N THR A 202 10.18 1.13 9.00
CA THR A 202 8.97 0.40 8.69
CA THR A 202 9.03 0.25 8.82
C THR A 202 9.31 -0.76 7.76
C THR A 202 9.19 -0.72 7.66
N VAL A 203 10.16 -0.47 6.78
CA VAL A 203 10.45 -1.40 5.69
C VAL A 203 11.84 -2.02 5.76
N LYS A 204 12.46 -1.95 6.93
CA LYS A 204 13.78 -2.55 7.11
C LYS A 204 13.85 -3.99 6.64
N ASN A 205 12.79 -4.77 6.89
CA ASN A 205 12.81 -6.19 6.59
C ASN A 205 12.10 -6.55 5.28
N ALA A 206 11.82 -5.53 4.45
CA ALA A 206 11.31 -5.80 3.11
C ALA A 206 12.34 -6.58 2.29
N ASP A 207 11.87 -7.33 1.29
CA ASP A 207 12.76 -8.06 0.38
C ASP A 207 13.71 -7.15 -0.40
N ARG A 208 13.17 -6.00 -0.84
CA ARG A 208 13.93 -4.98 -1.53
C ARG A 208 13.30 -3.62 -1.19
N ILE A 209 14.15 -2.60 -1.07
CA ILE A 209 13.71 -1.21 -0.89
C ILE A 209 14.11 -0.45 -2.14
N ILE A 210 13.19 0.36 -2.64
CA ILE A 210 13.40 1.20 -3.81
C ILE A 210 13.46 2.60 -3.32
N VAL A 211 14.53 3.35 -3.69
CA VAL A 211 14.73 4.72 -3.22
C VAL A 211 14.48 5.68 -4.36
N MET A 212 13.46 6.53 -4.25
CA MET A 212 13.18 7.50 -5.30
C MET A 212 13.69 8.86 -4.94
N GLU A 213 14.09 9.61 -5.95
CA GLU A 213 14.50 10.99 -5.74
C GLU A 213 14.23 11.72 -7.03
N LYS A 214 13.41 12.76 -6.95
CA LYS A 214 13.07 13.59 -8.11
C LYS A 214 12.57 12.77 -9.31
N GLY A 215 11.73 11.78 -9.04
CA GLY A 215 11.08 11.05 -10.09
C GLY A 215 11.89 9.93 -10.68
N LYS A 216 13.04 9.63 -10.08
CA LYS A 216 13.94 8.57 -10.55
C LYS A 216 14.15 7.53 -9.45
N ILE A 217 14.27 6.27 -9.81
CA ILE A 217 14.82 5.27 -8.90
C ILE A 217 16.33 5.44 -8.89
N VAL A 218 16.87 5.94 -7.79
CA VAL A 218 18.30 6.17 -7.73
C VAL A 218 19.07 5.01 -7.12
N GLU A 219 18.42 4.24 -6.24
CA GLU A 219 19.03 3.12 -5.50
C GLU A 219 17.98 2.06 -5.28
N GLN A 220 18.44 0.80 -5.18
CA GLN A 220 17.51 -0.28 -4.83
C GLN A 220 18.26 -1.45 -4.28
N GLY A 221 17.69 -2.10 -3.28
CA GLY A 221 18.31 -3.29 -2.73
C GLY A 221 17.78 -3.59 -1.33
N LYS A 222 18.38 -4.59 -0.68
CA LYS A 222 18.13 -4.88 0.70
C LYS A 222 18.67 -3.79 1.60
N HIS A 223 17.99 -3.57 2.74
CA HIS A 223 18.44 -2.62 3.74
C HIS A 223 19.97 -2.60 3.96
N LYS A 224 20.56 -3.77 4.24
CA LYS A 224 21.97 -3.79 4.61
C LYS A 224 22.84 -3.45 3.40
N GLU A 225 22.42 -3.83 2.20
CA GLU A 225 23.16 -3.43 0.99
C GLU A 225 23.09 -1.93 0.75
N LEU A 226 21.94 -1.32 1.00
CA LEU A 226 21.81 0.10 0.77
C LEU A 226 22.67 0.87 1.74
N LEU A 227 22.80 0.37 2.97
CA LEU A 227 23.68 1.02 3.96
C LEU A 227 25.15 0.80 3.65
N SER A 228 25.45 -0.27 2.90
CA SER A 228 26.83 -0.57 2.50
C SER A 228 27.34 0.26 1.31
N GLU A 229 26.44 0.91 0.57
CA GLU A 229 26.79 1.67 -0.63
C GLU A 229 27.28 3.04 -0.15
N PRO A 230 28.54 3.38 -0.45
CA PRO A 230 29.08 4.66 0.08
C PRO A 230 28.27 5.86 -0.36
N GLU A 231 28.04 6.78 0.58
CA GLU A 231 27.31 8.03 0.29
C GLU A 231 25.91 7.82 -0.28
N SER A 232 25.30 6.66 -0.03
CA SER A 232 23.94 6.43 -0.53
C SER A 232 22.94 7.44 0.04
N LEU A 233 21.96 7.79 -0.78
CA LEU A 233 20.84 8.57 -0.28
C LEU A 233 20.13 7.79 0.83
N TYR A 234 19.99 6.47 0.67
CA TYR A 234 19.34 5.68 1.72
C TYR A 234 20.02 5.92 3.09
N SER A 235 21.34 5.84 3.12
CA SER A 235 22.09 6.01 4.36
C SER A 235 21.82 7.40 4.89
N TYR A 236 21.77 8.40 4.00
CA TYR A 236 21.52 9.76 4.44
C TYR A 236 20.14 9.91 5.08
N LEU A 237 19.13 9.35 4.44
CA LEU A 237 17.76 9.42 4.97
C LEU A 237 17.68 8.65 6.29
N TYR A 238 18.36 7.51 6.39
CA TYR A 238 18.39 6.75 7.64
C TYR A 238 18.98 7.55 8.76
N GLN A 239 20.11 8.18 8.46
CA GLN A 239 20.79 9.06 9.42
C GLN A 239 19.85 10.18 9.90
N LEU A 240 19.14 10.80 8.98
CA LEU A 240 18.24 11.90 9.31
C LEU A 240 17.12 11.46 10.24
N GLN A 241 16.62 10.25 10.06
CA GLN A 241 15.50 9.79 10.88
C GLN A 241 15.96 9.12 12.18
N SER A 242 17.26 9.02 12.40
CA SER A 242 17.78 8.30 13.57
C SER A 242 17.73 9.14 14.85
N ASP A 243 17.59 8.43 15.98
CA ASP A 243 17.42 9.03 17.30
C ASP A 243 18.50 10.08 17.59
PB 128 B . 5.28 11.02 -2.65
O1B 128 B . 5.11 12.08 -1.60
O2B 128 B . 4.28 9.79 -2.61
O3B 128 B . 6.76 10.49 -2.76
PA 128 B . 3.66 11.91 -4.94
O1A 128 B . 3.78 10.85 -5.97
O2A 128 B . 2.48 11.96 -4.02
O3A 128 B . 5.00 11.79 -4.07
O5' 128 B . 3.80 13.35 -5.68
C5' 128 B . 4.71 13.64 -6.72
C4' 128 B . 4.40 15.06 -7.29
O4' 128 B . 3.16 14.94 -7.96
C3' 128 B . 4.25 15.99 -6.09
O3' 128 B . 5.23 17.09 -6.12
C2' 128 B . 2.88 16.61 -6.23
O2' 128 B . 3.11 18.05 -6.22
C1' 128 B . 2.37 16.14 -7.59
N9 128 B . 1.02 15.53 -7.62
C8 128 B . 0.57 14.52 -6.87
N7 128 B . -0.67 14.23 -7.21
C5 128 B . -1.02 15.08 -8.18
C6 128 B . -2.17 15.26 -8.94
N6 128 B . -3.23 14.50 -8.72
N1 128 B . -2.16 16.23 -9.89
C2 128 B . -1.09 16.99 -10.09
N3 128 B . 0.02 16.85 -9.41
C4 128 B . 0.07 15.90 -8.44
C1F 128 B . 4.54 18.35 -6.26
C2F 128 B . 4.80 19.17 -4.98
C3F 128 B . 5.31 20.49 -5.04
C4F 128 B . 5.62 21.12 -6.24
C5F 128 B . 5.43 20.49 -7.44
C6F 128 B . 4.95 19.18 -7.53
N2F 128 B . 4.53 18.63 -3.78
N4F 128 B . 6.11 22.38 -6.32
N6F 128 B . 4.83 18.75 -8.78
O2F 128 B . 4.00 17.31 -3.60
O3F 128 B . 4.75 19.37 -2.58
O4F 128 B . 6.38 22.94 -7.58
O5F 128 B . 6.31 23.09 -5.19
O6F 128 B . 5.20 19.55 -9.89
O7F 128 B . 4.38 17.48 -9.09
PB ADP C . 5.67 11.21 -3.09
O1B ADP C . 5.57 12.31 -1.99
O2B ADP C . 4.59 10.13 -3.05
O3B ADP C . 7.07 10.77 -3.33
PA ADP C . 4.07 12.13 -5.32
O1A ADP C . 4.13 11.05 -6.39
O2A ADP C . 2.80 12.15 -4.53
O3A ADP C . 5.41 12.04 -4.45
O5' ADP C . 4.22 13.54 -6.07
C5' ADP C . 5.25 13.81 -6.99
C4' ADP C . 4.91 15.13 -7.68
O4' ADP C . 3.71 15.01 -8.42
C3' ADP C . 4.69 16.26 -6.70
O3' ADP C . 5.54 17.36 -7.05
C2' ADP C . 3.26 16.69 -6.83
O2' ADP C . 3.22 18.13 -6.87
C1' ADP C . 2.83 16.11 -8.15
N9 ADP C . 1.45 15.61 -8.16
C8 ADP C . 0.94 14.60 -7.43
N7 ADP C . -0.36 14.39 -7.74
C5 ADP C . -0.69 15.30 -8.69
C6 ADP C . -1.89 15.63 -9.48
N6 ADP C . -3.05 14.96 -9.30
N1 ADP C . -1.80 16.64 -10.38
C2 ADP C . -0.65 17.33 -10.58
N3 ADP C . 0.48 17.07 -9.91
C4 ADP C . 0.52 16.09 -8.96
#